data_6COR
#
_entry.id   6COR
#
_entity_poly.entity_id   1
_entity_poly.type   'polypeptide(L)'
_entity_poly.pdbx_seq_one_letter_code
;EMRLSKFFRDAILQRKK
;
_entity_poly.pdbx_strand_id   A
#
# COMPACT_ATOMS: atom_id res chain seq x y z
N GLU A 1 -6.52 -10.61 -1.16
CA GLU A 1 -7.65 -10.10 -1.99
C GLU A 1 -7.13 -9.50 -3.28
N MET A 2 -6.39 -8.35 -3.21
CA MET A 2 -5.84 -7.68 -4.39
C MET A 2 -4.38 -7.41 -4.13
N ARG A 3 -3.54 -7.54 -5.22
CA ARG A 3 -2.08 -7.33 -5.16
C ARG A 3 -1.72 -5.90 -5.38
N LEU A 4 -2.69 -5.10 -5.84
CA LEU A 4 -2.48 -3.70 -6.09
C LEU A 4 -2.72 -2.97 -4.85
N SER A 5 -3.65 -3.51 -4.01
CA SER A 5 -3.96 -2.92 -2.74
C SER A 5 -2.84 -3.29 -1.81
N LYS A 6 -1.98 -4.32 -2.20
CA LYS A 6 -0.84 -4.74 -1.43
C LYS A 6 0.36 -3.85 -1.82
N PHE A 7 0.40 -3.44 -3.14
CA PHE A 7 1.44 -2.57 -3.70
C PHE A 7 1.45 -1.22 -3.15
N PHE A 8 0.30 -0.58 -3.29
CA PHE A 8 0.18 0.79 -2.89
C PHE A 8 0.14 0.89 -1.41
N ARG A 9 -0.20 -0.21 -0.76
CA ARG A 9 -0.34 -0.24 0.65
C ARG A 9 0.97 0.13 1.32
N ASP A 10 2.06 -0.35 0.72
CA ASP A 10 3.38 -0.04 1.17
C ASP A 10 3.89 1.23 0.50
N ALA A 11 3.18 1.76 -0.54
CA ALA A 11 3.64 2.95 -1.26
C ALA A 11 3.08 4.22 -0.71
N ILE A 12 1.76 4.23 -0.47
CA ILE A 12 1.00 5.41 -0.03
C ILE A 12 0.92 5.46 1.47
N LEU A 13 0.75 4.27 2.08
CA LEU A 13 0.48 4.16 3.49
C LEU A 13 1.73 4.13 4.30
N GLN A 14 2.92 4.05 3.66
CA GLN A 14 4.16 4.07 4.44
C GLN A 14 4.61 5.49 4.56
N ARG A 15 3.92 6.39 3.78
CA ARG A 15 4.20 7.82 3.83
C ARG A 15 3.60 8.33 5.11
N LYS A 16 2.36 7.86 5.42
CA LYS A 16 1.68 8.19 6.65
C LYS A 16 1.85 6.99 7.55
N LYS A 17 2.76 7.07 8.55
CA LYS A 17 3.02 5.94 9.46
C LYS A 17 3.69 6.54 10.71
N GLU A 1 -9.10 -9.82 -1.72
CA GLU A 1 -7.60 -9.81 -1.74
C GLU A 1 -7.11 -9.39 -3.10
N MET A 2 -6.37 -8.22 -3.15
CA MET A 2 -5.82 -7.68 -4.40
C MET A 2 -4.35 -7.42 -4.16
N ARG A 3 -3.53 -7.57 -5.25
CA ARG A 3 -2.07 -7.36 -5.22
C ARG A 3 -1.70 -5.94 -5.45
N LEU A 4 -2.67 -5.13 -5.90
CA LEU A 4 -2.46 -3.73 -6.16
C LEU A 4 -2.71 -3.00 -4.91
N SER A 5 -3.65 -3.54 -4.08
CA SER A 5 -3.95 -2.95 -2.80
C SER A 5 -2.84 -3.32 -1.88
N LYS A 6 -1.97 -4.35 -2.26
CA LYS A 6 -0.84 -4.77 -1.49
C LYS A 6 0.36 -3.86 -1.86
N PHE A 7 0.42 -3.47 -3.18
CA PHE A 7 1.47 -2.60 -3.74
C PHE A 7 1.46 -1.24 -3.18
N PHE A 8 0.31 -0.60 -3.32
CA PHE A 8 0.19 0.75 -2.91
C PHE A 8 0.14 0.86 -1.43
N ARG A 9 -0.20 -0.25 -0.77
CA ARG A 9 -0.35 -0.28 0.65
C ARG A 9 0.96 0.11 1.32
N ASP A 10 2.06 -0.36 0.72
CA ASP A 10 3.39 -0.04 1.16
C ASP A 10 3.89 1.24 0.49
N ALA A 11 3.16 1.76 -0.55
CA ALA A 11 3.62 2.95 -1.26
C ALA A 11 3.06 4.23 -0.70
N ILE A 12 1.72 4.24 -0.47
CA ILE A 12 0.96 5.40 -0.03
C ILE A 12 0.88 5.45 1.47
N LEU A 13 0.77 4.27 2.08
CA LEU A 13 0.52 4.14 3.49
C LEU A 13 1.77 4.12 4.30
N GLN A 14 2.97 4.07 3.64
CA GLN A 14 4.22 4.10 4.42
C GLN A 14 4.63 5.53 4.56
N ARG A 15 3.91 6.41 3.81
CA ARG A 15 4.16 7.84 3.87
C ARG A 15 3.55 8.34 5.15
N LYS A 16 2.30 7.84 5.45
CA LYS A 16 1.61 8.15 6.67
C LYS A 16 1.79 6.93 7.56
N LYS A 17 2.70 7.02 8.57
CA LYS A 17 2.97 5.87 9.46
C LYS A 17 3.65 6.45 10.74
N GLU A 1 -6.43 -10.51 -0.84
CA GLU A 1 -7.59 -10.07 -1.68
C GLU A 1 -7.12 -9.45 -2.97
N MET A 2 -6.35 -8.30 -2.90
CA MET A 2 -5.85 -7.62 -4.09
C MET A 2 -4.38 -7.34 -3.89
N ARG A 3 -3.61 -7.43 -5.02
CA ARG A 3 -2.16 -7.20 -5.05
C ARG A 3 -1.81 -5.78 -5.27
N LEU A 4 -2.80 -4.97 -5.70
CA LEU A 4 -2.59 -3.57 -5.97
C LEU A 4 -2.80 -2.84 -4.73
N SER A 5 -3.69 -3.35 -3.85
CA SER A 5 -3.94 -2.76 -2.58
C SER A 5 -2.79 -3.13 -1.69
N LYS A 6 -1.96 -4.17 -2.11
CA LYS A 6 -0.81 -4.61 -1.38
C LYS A 6 0.39 -3.73 -1.83
N PHE A 7 0.38 -3.34 -3.15
CA PHE A 7 1.41 -2.48 -3.76
C PHE A 7 1.45 -1.13 -3.22
N PHE A 8 0.30 -0.46 -3.29
CA PHE A 8 0.22 0.89 -2.88
C PHE A 8 0.25 0.98 -1.40
N ARG A 9 -0.06 -0.13 -0.74
CA ARG A 9 -0.12 -0.16 0.69
C ARG A 9 1.22 0.21 1.26
N ASP A 10 2.27 -0.26 0.58
CA ASP A 10 3.62 0.04 0.94
C ASP A 10 4.10 1.30 0.23
N ALA A 11 3.31 1.86 -0.72
CA ALA A 11 3.73 3.06 -1.45
C ALA A 11 3.20 4.32 -0.84
N ILE A 12 1.89 4.32 -0.52
CA ILE A 12 1.16 5.48 -0.01
C ILE A 12 1.15 5.48 1.49
N LEU A 13 0.99 4.27 2.07
CA LEU A 13 0.80 4.10 3.49
C LEU A 13 2.08 4.01 4.22
N GLN A 14 3.23 3.95 3.51
CA GLN A 14 4.52 3.92 4.21
C GLN A 14 4.91 5.34 4.47
N ARG A 15 4.13 6.26 3.83
CA ARG A 15 4.34 7.67 4.02
C ARG A 15 3.49 8.08 5.19
N LYS A 16 2.22 7.58 5.21
CA LYS A 16 1.29 7.86 6.29
C LYS A 16 1.24 6.61 7.14
N LYS A 17 1.92 6.63 8.32
CA LYS A 17 1.96 5.47 9.21
C LYS A 17 2.30 6.00 10.63
N GLU A 1 -8.88 -9.89 -1.40
CA GLU A 1 -7.39 -9.78 -1.49
C GLU A 1 -6.98 -9.36 -2.89
N MET A 2 -6.27 -8.18 -2.98
CA MET A 2 -5.79 -7.65 -4.25
C MET A 2 -4.32 -7.36 -4.08
N ARG A 3 -3.54 -7.49 -5.20
CA ARG A 3 -2.09 -7.25 -5.21
C ARG A 3 -1.75 -5.82 -5.44
N LEU A 4 -2.75 -5.04 -5.85
CA LEU A 4 -2.58 -3.63 -6.11
C LEU A 4 -2.79 -2.91 -4.86
N SER A 5 -3.69 -3.45 -4.00
CA SER A 5 -3.98 -2.88 -2.71
C SER A 5 -2.84 -3.25 -1.82
N LYS A 6 -1.98 -4.27 -2.23
CA LYS A 6 -0.83 -4.69 -1.48
C LYS A 6 0.36 -3.78 -1.90
N PHE A 7 0.38 -3.39 -3.21
CA PHE A 7 1.41 -2.50 -3.79
C PHE A 7 1.43 -1.17 -3.23
N PHE A 8 0.28 -0.52 -3.33
CA PHE A 8 0.16 0.83 -2.90
C PHE A 8 0.16 0.92 -1.42
N ARG A 9 -0.17 -0.19 -0.77
CA ARG A 9 -0.29 -0.23 0.64
C ARG A 9 1.03 0.12 1.29
N ASP A 10 2.11 -0.35 0.66
CA ASP A 10 3.44 -0.08 1.08
C ASP A 10 3.96 1.19 0.41
N ALA A 11 3.23 1.74 -0.60
CA ALA A 11 3.70 2.92 -1.33
C ALA A 11 3.16 4.21 -0.76
N ILE A 12 1.83 4.24 -0.50
CA ILE A 12 1.11 5.41 -0.04
C ILE A 12 1.06 5.44 1.46
N LEU A 13 0.89 4.24 2.05
CA LEU A 13 0.65 4.13 3.46
C LEU A 13 1.90 4.07 4.24
N GLN A 14 3.09 3.98 3.59
CA GLN A 14 4.34 3.98 4.37
C GLN A 14 4.75 5.40 4.53
N ARG A 15 4.04 6.30 3.81
CA ARG A 15 4.28 7.73 3.91
C ARG A 15 3.56 8.19 5.15
N LYS A 16 2.29 7.71 5.32
CA LYS A 16 1.49 8.01 6.49
C LYS A 16 1.50 6.78 7.37
N LYS A 17 2.29 6.82 8.48
CA LYS A 17 2.38 5.67 9.41
C LYS A 17 2.86 6.23 10.76
N GLU A 1 -8.89 -9.95 -1.37
CA GLU A 1 -7.40 -9.83 -1.48
C GLU A 1 -7.02 -9.35 -2.86
N MET A 2 -6.31 -8.18 -2.92
CA MET A 2 -5.86 -7.58 -4.19
C MET A 2 -4.38 -7.31 -4.03
N ARG A 3 -3.63 -7.40 -5.18
CA ARG A 3 -2.18 -7.18 -5.23
C ARG A 3 -1.84 -5.74 -5.43
N LEU A 4 -2.83 -4.94 -5.81
CA LEU A 4 -2.65 -3.53 -6.04
C LEU A 4 -2.84 -2.84 -4.77
N SER A 5 -3.72 -3.40 -3.90
CA SER A 5 -3.97 -2.84 -2.60
C SER A 5 -2.80 -3.22 -1.75
N LYS A 6 -1.97 -4.24 -2.20
CA LYS A 6 -0.79 -4.68 -1.49
C LYS A 6 0.39 -3.78 -1.92
N PHE A 7 0.37 -3.35 -3.22
CA PHE A 7 1.38 -2.46 -3.83
C PHE A 7 1.43 -1.13 -3.23
N PHE A 8 0.27 -0.48 -3.28
CA PHE A 8 0.18 0.86 -2.83
C PHE A 8 0.22 0.92 -1.34
N ARG A 9 -0.07 -0.21 -0.71
CA ARG A 9 -0.14 -0.28 0.72
C ARG A 9 1.21 0.07 1.32
N ASP A 10 2.26 -0.40 0.63
CA ASP A 10 3.61 -0.13 1.00
C ASP A 10 4.10 1.14 0.31
N ALA A 11 3.30 1.73 -0.63
CA ALA A 11 3.72 2.94 -1.33
C ALA A 11 3.20 4.19 -0.69
N ILE A 12 1.88 4.23 -0.44
CA ILE A 12 1.16 5.38 0.09
C ILE A 12 1.18 5.37 1.58
N LEU A 13 1.05 4.17 2.16
CA LEU A 13 0.89 4.02 3.57
C LEU A 13 2.19 4.00 4.27
N GLN A 14 3.31 3.97 3.53
CA GLN A 14 4.61 4.01 4.17
C GLN A 14 4.95 5.45 4.39
N ARG A 15 4.12 6.33 3.79
CA ARG A 15 4.28 7.77 3.94
C ARG A 15 3.44 8.17 5.11
N LYS A 16 2.15 7.69 5.17
CA LYS A 16 1.28 7.98 6.29
C LYS A 16 1.20 6.71 7.12
N LYS A 17 1.86 6.73 8.31
CA LYS A 17 1.87 5.57 9.22
C LYS A 17 2.18 6.12 10.64
N GLU A 1 -6.47 -10.66 -1.18
CA GLU A 1 -7.63 -10.14 -1.96
C GLU A 1 -7.15 -9.49 -3.25
N MET A 2 -6.41 -8.34 -3.16
CA MET A 2 -5.90 -7.63 -4.33
C MET A 2 -4.43 -7.37 -4.10
N ARG A 3 -3.63 -7.46 -5.22
CA ARG A 3 -2.17 -7.25 -5.20
C ARG A 3 -1.81 -5.82 -5.40
N LEU A 4 -2.80 -5.01 -5.80
CA LEU A 4 -2.61 -3.60 -6.02
C LEU A 4 -2.80 -2.91 -4.75
N SER A 5 -3.70 -3.46 -3.88
CA SER A 5 -3.95 -2.92 -2.59
C SER A 5 -2.79 -3.30 -1.71
N LYS A 6 -1.95 -4.31 -2.17
CA LYS A 6 -0.78 -4.75 -1.46
C LYS A 6 0.40 -3.85 -1.88
N PHE A 7 0.39 -3.41 -3.18
CA PHE A 7 1.40 -2.52 -3.77
C PHE A 7 1.44 -1.18 -3.18
N PHE A 8 0.27 -0.52 -3.25
CA PHE A 8 0.16 0.82 -2.82
C PHE A 8 0.19 0.89 -1.33
N ARG A 9 -0.11 -0.23 -0.70
CA ARG A 9 -0.19 -0.30 0.72
C ARG A 9 1.14 0.06 1.34
N ASP A 10 2.20 -0.41 0.71
CA ASP A 10 3.55 -0.13 1.09
C ASP A 10 4.05 1.15 0.41
N ALA A 11 3.26 1.72 -0.56
CA ALA A 11 3.68 2.92 -1.27
C ALA A 11 3.15 4.18 -0.64
N ILE A 12 1.82 4.21 -0.42
CA ILE A 12 1.10 5.38 0.07
C ILE A 12 1.06 5.40 1.57
N LEU A 13 0.91 4.20 2.15
CA LEU A 13 0.70 4.06 3.57
C LEU A 13 1.99 4.06 4.31
N GLN A 14 3.12 4.05 3.58
CA GLN A 14 4.41 4.10 4.25
C GLN A 14 4.80 5.53 4.41
N ARG A 15 4.00 6.42 3.75
CA ARG A 15 4.23 7.85 3.84
C ARG A 15 3.53 8.33 5.08
N LYS A 16 2.25 7.88 5.29
CA LYS A 16 1.52 8.22 6.50
C LYS A 16 1.52 6.99 7.36
N LYS A 17 2.34 7.01 8.45
CA LYS A 17 2.46 5.88 9.37
C LYS A 17 3.06 6.44 10.68
N GLU A 1 -8.93 -9.83 -1.37
CA GLU A 1 -7.43 -9.76 -1.45
C GLU A 1 -7.00 -9.33 -2.83
N MET A 2 -6.30 -8.16 -2.92
CA MET A 2 -5.82 -7.60 -4.19
C MET A 2 -4.34 -7.32 -4.02
N ARG A 3 -3.58 -7.44 -5.16
CA ARG A 3 -2.12 -7.21 -5.18
C ARG A 3 -1.78 -5.77 -5.40
N LEU A 4 -2.77 -4.97 -5.79
CA LEU A 4 -2.59 -3.57 -6.03
C LEU A 4 -2.80 -2.86 -4.77
N SER A 5 -3.70 -3.40 -3.92
CA SER A 5 -3.96 -2.84 -2.62
C SER A 5 -2.82 -3.21 -1.73
N LYS A 6 -1.97 -4.24 -2.17
CA LYS A 6 -0.81 -4.67 -1.44
C LYS A 6 0.37 -3.79 -1.87
N PHE A 7 0.38 -3.37 -3.18
CA PHE A 7 1.40 -2.50 -3.77
C PHE A 7 1.45 -1.15 -3.20
N PHE A 8 0.29 -0.50 -3.29
CA PHE A 8 0.20 0.85 -2.86
C PHE A 8 0.22 0.95 -1.38
N ARG A 9 -0.10 -0.16 -0.73
CA ARG A 9 -0.19 -0.21 0.69
C ARG A 9 1.16 0.14 1.30
N ASP A 10 2.21 -0.34 0.65
CA ASP A 10 3.56 -0.07 1.02
C ASP A 10 4.07 1.20 0.33
N ALA A 11 3.29 1.78 -0.64
CA ALA A 11 3.73 2.98 -1.35
C ALA A 11 3.20 4.25 -0.75
N ILE A 12 1.88 4.27 -0.47
CA ILE A 12 1.15 5.43 0.01
C ILE A 12 1.13 5.45 1.51
N LEU A 13 0.97 4.24 2.10
CA LEU A 13 0.77 4.09 3.52
C LEU A 13 2.07 4.04 4.24
N GLN A 14 3.21 4.00 3.52
CA GLN A 14 4.50 4.02 4.20
C GLN A 14 4.88 5.44 4.43
N ARG A 15 4.09 6.34 3.79
CA ARG A 15 4.28 7.77 3.96
C ARG A 15 3.47 8.17 5.16
N LYS A 16 2.20 7.67 5.23
CA LYS A 16 1.32 7.92 6.35
C LYS A 16 1.28 6.62 7.15
N LYS A 17 2.00 6.58 8.31
CA LYS A 17 2.01 5.37 9.15
C LYS A 17 2.32 5.84 10.60
N GLU A 1 -8.97 -10.09 -1.41
CA GLU A 1 -7.48 -9.88 -1.40
C GLU A 1 -7.01 -9.42 -2.78
N MET A 2 -6.40 -8.19 -2.83
CA MET A 2 -5.91 -7.61 -4.09
C MET A 2 -4.44 -7.32 -3.94
N ARG A 3 -3.70 -7.44 -5.09
CA ARG A 3 -2.24 -7.22 -5.16
C ARG A 3 -1.88 -5.80 -5.38
N LEU A 4 -2.85 -4.98 -5.77
CA LEU A 4 -2.61 -3.59 -6.03
C LEU A 4 -2.80 -2.84 -4.80
N SER A 5 -3.70 -3.35 -3.92
CA SER A 5 -3.92 -2.76 -2.64
C SER A 5 -2.72 -3.07 -1.83
N LYS A 6 -2.01 -4.23 -2.15
CA LYS A 6 -0.82 -4.67 -1.49
C LYS A 6 0.37 -3.78 -1.91
N PHE A 7 0.39 -3.37 -3.21
CA PHE A 7 1.42 -2.51 -3.79
C PHE A 7 1.49 -1.16 -3.24
N PHE A 8 0.34 -0.48 -3.32
CA PHE A 8 0.28 0.88 -2.91
C PHE A 8 0.29 0.96 -1.43
N ARG A 9 0.00 -0.15 -0.78
CA ARG A 9 -0.08 -0.21 0.65
C ARG A 9 1.25 0.16 1.25
N ASP A 10 2.29 -0.30 0.57
CA ASP A 10 3.64 -0.01 0.94
C ASP A 10 4.11 1.28 0.26
N ALA A 11 3.33 1.85 -0.70
CA ALA A 11 3.75 3.05 -1.39
C ALA A 11 3.22 4.30 -0.74
N ILE A 12 1.90 4.31 -0.46
CA ILE A 12 1.17 5.45 0.06
C ILE A 12 1.19 5.44 1.56
N LEU A 13 1.06 4.23 2.12
CA LEU A 13 0.88 4.04 3.54
C LEU A 13 2.16 3.98 4.27
N GLN A 14 3.32 3.97 3.56
CA GLN A 14 4.60 3.99 4.28
C GLN A 14 4.94 5.43 4.52
N ARG A 15 4.13 6.32 3.89
CA ARG A 15 4.27 7.74 4.06
C ARG A 15 3.37 8.12 5.20
N LYS A 16 2.11 7.59 5.18
CA LYS A 16 1.17 7.84 6.26
C LYS A 16 1.14 6.57 7.07
N LYS A 17 1.81 6.60 8.26
CA LYS A 17 1.88 5.43 9.13
C LYS A 17 2.10 5.94 10.57
N GLU A 1 -6.69 -10.06 -0.52
CA GLU A 1 -7.51 -9.63 -1.70
C GLU A 1 -6.86 -8.44 -2.38
N MET A 2 -6.49 -8.65 -3.71
CA MET A 2 -5.85 -7.65 -4.62
C MET A 2 -4.40 -7.40 -4.26
N ARG A 3 -3.51 -7.54 -5.31
CA ARG A 3 -2.06 -7.34 -5.18
C ARG A 3 -1.68 -5.91 -5.39
N LEU A 4 -2.65 -5.11 -5.86
CA LEU A 4 -2.46 -3.70 -6.10
C LEU A 4 -2.71 -3.00 -4.84
N SER A 5 -3.61 -3.56 -4.00
CA SER A 5 -3.93 -2.99 -2.71
C SER A 5 -2.80 -3.38 -1.78
N LYS A 6 -1.94 -4.38 -2.20
CA LYS A 6 -0.79 -4.80 -1.44
C LYS A 6 0.40 -3.89 -1.83
N PHE A 7 0.42 -3.47 -3.15
CA PHE A 7 1.44 -2.58 -3.71
C PHE A 7 1.44 -1.24 -3.15
N PHE A 8 0.28 -0.60 -3.27
CA PHE A 8 0.15 0.76 -2.86
C PHE A 8 0.12 0.85 -1.39
N ARG A 9 -0.20 -0.25 -0.74
CA ARG A 9 -0.33 -0.30 0.68
C ARG A 9 0.98 0.07 1.34
N ASP A 10 2.07 -0.40 0.73
CA ASP A 10 3.40 -0.09 1.17
C ASP A 10 3.89 1.19 0.48
N ALA A 11 3.15 1.73 -0.53
CA ALA A 11 3.60 2.93 -1.24
C ALA A 11 3.03 4.19 -0.66
N ILE A 12 1.69 4.19 -0.44
CA ILE A 12 0.94 5.36 0.01
C ILE A 12 0.88 5.41 1.51
N LEU A 13 0.74 4.21 2.12
CA LEU A 13 0.50 4.11 3.53
C LEU A 13 1.77 4.09 4.32
N GLN A 14 2.95 4.05 3.64
CA GLN A 14 4.22 4.09 4.37
C GLN A 14 4.62 5.53 4.48
N ARG A 15 3.88 6.40 3.74
CA ARG A 15 4.12 7.83 3.79
C ARG A 15 3.51 8.33 5.08
N LYS A 16 2.28 7.82 5.38
CA LYS A 16 1.59 8.13 6.61
C LYS A 16 1.78 6.91 7.51
N LYS A 17 2.70 7.01 8.50
CA LYS A 17 2.98 5.88 9.41
C LYS A 17 3.65 6.49 10.66
N GLU A 1 -6.42 -10.72 -1.21
CA GLU A 1 -7.59 -10.15 -1.94
C GLU A 1 -7.14 -9.51 -3.24
N MET A 2 -6.38 -8.36 -3.14
CA MET A 2 -5.89 -7.64 -4.33
C MET A 2 -4.41 -7.39 -4.13
N ARG A 3 -3.63 -7.48 -5.26
CA ARG A 3 -2.18 -7.27 -5.27
C ARG A 3 -1.82 -5.84 -5.47
N LEU A 4 -2.82 -5.03 -5.86
CA LEU A 4 -2.61 -3.62 -6.09
C LEU A 4 -2.79 -2.94 -4.81
N SER A 5 -3.69 -3.48 -3.94
CA SER A 5 -3.89 -2.95 -2.62
C SER A 5 -2.64 -3.22 -1.87
N LYS A 6 -1.97 -4.41 -2.15
CA LYS A 6 -0.75 -4.80 -1.49
C LYS A 6 0.39 -3.86 -1.88
N PHE A 7 0.41 -3.43 -3.19
CA PHE A 7 1.41 -2.52 -3.75
C PHE A 7 1.40 -1.19 -3.16
N PHE A 8 0.23 -0.56 -3.20
CA PHE A 8 0.14 0.79 -2.79
C PHE A 8 0.11 0.90 -1.30
N ARG A 9 -0.21 -0.20 -0.61
CA ARG A 9 -0.31 -0.18 0.83
C ARG A 9 1.03 0.17 1.42
N ASP A 10 2.07 -0.37 0.79
CA ASP A 10 3.44 -0.13 1.17
C ASP A 10 3.96 1.13 0.45
N ALA A 11 3.19 1.71 -0.52
CA ALA A 11 3.64 2.89 -1.25
C ALA A 11 3.12 4.18 -0.65
N ILE A 12 1.80 4.23 -0.41
CA ILE A 12 1.08 5.42 0.05
C ILE A 12 1.08 5.49 1.54
N LEU A 13 0.92 4.30 2.17
CA LEU A 13 0.74 4.21 3.59
C LEU A 13 2.04 4.16 4.32
N GLN A 14 3.17 4.09 3.57
CA GLN A 14 4.47 4.10 4.22
C GLN A 14 4.88 5.53 4.40
N ARG A 15 4.09 6.43 3.75
CA ARG A 15 4.31 7.85 3.86
C ARG A 15 3.58 8.32 5.09
N LYS A 16 2.31 7.82 5.26
CA LYS A 16 1.52 8.13 6.44
C LYS A 16 1.56 6.91 7.34
N LYS A 17 2.36 6.97 8.44
CA LYS A 17 2.48 5.85 9.39
C LYS A 17 3.04 6.44 10.70
N GLU A 1 -9.08 -9.86 -1.68
CA GLU A 1 -7.58 -9.86 -1.73
C GLU A 1 -7.10 -9.38 -3.08
N MET A 2 -6.37 -8.22 -3.10
CA MET A 2 -5.84 -7.63 -4.33
C MET A 2 -4.38 -7.35 -4.10
N ARG A 3 -3.57 -7.49 -5.22
CA ARG A 3 -2.12 -7.29 -5.21
C ARG A 3 -1.74 -5.87 -5.42
N LEU A 4 -2.72 -5.06 -5.86
CA LEU A 4 -2.51 -3.65 -6.11
C LEU A 4 -2.73 -2.94 -4.85
N SER A 5 -3.64 -3.49 -4.00
CA SER A 5 -3.93 -2.93 -2.71
C SER A 5 -2.80 -3.31 -1.80
N LYS A 6 -1.95 -4.32 -2.23
CA LYS A 6 -0.80 -4.76 -1.48
C LYS A 6 0.39 -3.86 -1.88
N PHE A 7 0.42 -3.45 -3.19
CA PHE A 7 1.45 -2.56 -3.77
C PHE A 7 1.46 -1.21 -3.20
N PHE A 8 0.31 -0.57 -3.31
CA PHE A 8 0.20 0.79 -2.90
C PHE A 8 0.18 0.88 -1.42
N ARG A 9 -0.15 -0.22 -0.76
CA ARG A 9 -0.27 -0.27 0.65
C ARG A 9 1.05 0.10 1.31
N ASP A 10 2.13 -0.39 0.71
CA ASP A 10 3.46 -0.11 1.13
C ASP A 10 3.98 1.16 0.45
N ALA A 11 3.23 1.73 -0.54
CA ALA A 11 3.68 2.93 -1.25
C ALA A 11 3.12 4.19 -0.65
N ILE A 12 1.78 4.22 -0.45
CA ILE A 12 1.04 5.39 -0.01
C ILE A 12 0.96 5.43 1.48
N LEU A 13 0.79 4.24 2.09
CA LEU A 13 0.54 4.12 3.51
C LEU A 13 1.82 4.10 4.28
N GLN A 14 2.98 4.06 3.59
CA GLN A 14 4.25 4.08 4.29
C GLN A 14 4.66 5.50 4.47
N ARG A 15 3.92 6.40 3.77
CA ARG A 15 4.16 7.83 3.87
C ARG A 15 3.50 8.30 5.14
N LYS A 16 2.25 7.80 5.38
CA LYS A 16 1.51 8.10 6.59
C LYS A 16 1.65 6.88 7.48
N LYS A 17 2.53 6.96 8.52
CA LYS A 17 2.76 5.84 9.44
C LYS A 17 3.39 6.43 10.72
N GLU A 1 -6.30 -10.59 -0.90
CA GLU A 1 -7.49 -10.15 -1.69
C GLU A 1 -7.06 -9.48 -2.98
N MET A 2 -6.33 -8.31 -2.89
CA MET A 2 -5.86 -7.59 -4.07
C MET A 2 -4.40 -7.30 -3.89
N ARG A 3 -3.63 -7.39 -5.03
CA ARG A 3 -2.17 -7.16 -5.06
C ARG A 3 -1.84 -5.73 -5.28
N LEU A 4 -2.83 -4.93 -5.68
CA LEU A 4 -2.64 -3.54 -5.95
C LEU A 4 -2.83 -2.80 -4.71
N SER A 5 -3.72 -3.32 -3.83
CA SER A 5 -3.96 -2.73 -2.55
C SER A 5 -2.81 -3.10 -1.67
N LYS A 6 -2.00 -4.16 -2.09
CA LYS A 6 -0.83 -4.60 -1.37
C LYS A 6 0.37 -3.73 -1.82
N PHE A 7 0.36 -3.34 -3.14
CA PHE A 7 1.38 -2.48 -3.76
C PHE A 7 1.45 -1.14 -3.21
N PHE A 8 0.30 -0.46 -3.29
CA PHE A 8 0.22 0.89 -2.88
C PHE A 8 0.26 0.98 -1.39
N ARG A 9 -0.06 -0.12 -0.73
CA ARG A 9 -0.11 -0.16 0.69
C ARG A 9 1.24 0.20 1.27
N ASP A 10 2.28 -0.27 0.59
CA ASP A 10 3.63 0.01 0.94
C ASP A 10 4.12 1.28 0.23
N ALA A 11 3.33 1.84 -0.73
CA ALA A 11 3.75 3.03 -1.45
C ALA A 11 3.23 4.30 -0.83
N ILE A 12 1.92 4.32 -0.52
CA ILE A 12 1.20 5.47 0.01
C ILE A 12 1.20 5.48 1.50
N LEU A 13 1.04 4.26 2.08
CA LEU A 13 0.85 4.10 3.50
C LEU A 13 2.13 4.01 4.22
N GLN A 14 3.28 3.94 3.52
CA GLN A 14 4.56 3.91 4.20
C GLN A 14 4.95 5.33 4.46
N ARG A 15 4.18 6.25 3.83
CA ARG A 15 4.38 7.66 4.03
C ARG A 15 3.50 8.07 5.18
N LYS A 16 2.22 7.58 5.17
CA LYS A 16 1.28 7.86 6.23
C LYS A 16 1.19 6.60 7.09
N LYS A 17 1.85 6.62 8.28
CA LYS A 17 1.83 5.46 9.19
C LYS A 17 2.14 6.00 10.60
N GLU A 1 -6.56 -10.49 -1.08
CA GLU A 1 -7.70 -9.97 -1.93
C GLU A 1 -7.17 -9.42 -3.23
N MET A 2 -6.41 -8.27 -3.18
CA MET A 2 -5.84 -7.65 -4.38
C MET A 2 -4.38 -7.40 -4.12
N ARG A 3 -3.55 -7.54 -5.21
CA ARG A 3 -2.09 -7.34 -5.16
C ARG A 3 -1.71 -5.92 -5.38
N LEU A 4 -2.67 -5.10 -5.84
CA LEU A 4 -2.45 -3.70 -6.09
C LEU A 4 -2.70 -2.98 -4.83
N SER A 5 -3.62 -3.52 -4.00
CA SER A 5 -3.93 -2.93 -2.72
C SER A 5 -2.81 -3.31 -1.80
N LYS A 6 -1.95 -4.33 -2.20
CA LYS A 6 -0.81 -4.76 -1.42
C LYS A 6 0.39 -3.87 -1.83
N PHE A 7 0.43 -3.46 -3.14
CA PHE A 7 1.46 -2.58 -3.71
C PHE A 7 1.47 -1.23 -3.15
N PHE A 8 0.32 -0.58 -3.29
CA PHE A 8 0.20 0.77 -2.89
C PHE A 8 0.17 0.89 -1.41
N ARG A 9 -0.16 -0.21 -0.76
CA ARG A 9 -0.30 -0.26 0.65
C ARG A 9 1.01 0.12 1.32
N ASP A 10 2.09 -0.36 0.72
CA ASP A 10 3.42 -0.08 1.15
C ASP A 10 3.94 1.19 0.48
N ALA A 11 3.20 1.76 -0.53
CA ALA A 11 3.65 2.95 -1.24
C ALA A 11 3.09 4.22 -0.68
N ILE A 12 1.75 4.24 -0.46
CA ILE A 12 0.99 5.41 -0.03
C ILE A 12 0.90 5.47 1.47
N LEU A 13 0.74 4.27 2.08
CA LEU A 13 0.47 4.15 3.49
C LEU A 13 1.73 4.14 4.28
N GLN A 14 2.90 4.09 3.60
CA GLN A 14 4.17 4.10 4.32
C GLN A 14 4.60 5.53 4.48
N ARG A 15 3.87 6.43 3.76
CA ARG A 15 4.13 7.85 3.85
C ARG A 15 3.53 8.34 5.13
N LYS A 16 2.29 7.83 5.43
CA LYS A 16 1.60 8.14 6.66
C LYS A 16 1.80 6.92 7.54
N LYS A 17 2.72 7.01 8.54
CA LYS A 17 3.01 5.87 9.43
C LYS A 17 3.67 6.46 10.70
N GLU A 1 -6.13 -11.77 -2.85
CA GLU A 1 -7.39 -11.18 -3.39
C GLU A 1 -7.10 -9.90 -4.14
N MET A 2 -6.53 -8.87 -3.44
CA MET A 2 -6.20 -7.57 -4.05
C MET A 2 -4.72 -7.34 -3.86
N ARG A 3 -3.95 -7.40 -4.99
CA ARG A 3 -2.50 -7.20 -5.00
C ARG A 3 -2.10 -5.78 -5.18
N LEU A 4 -3.06 -4.93 -5.57
CA LEU A 4 -2.73 -3.54 -5.80
C LEU A 4 -2.90 -2.84 -4.54
N SER A 5 -3.80 -3.37 -3.67
CA SER A 5 -4.01 -2.83 -2.36
C SER A 5 -2.76 -3.10 -1.61
N LYS A 6 -2.11 -4.30 -1.86
CA LYS A 6 -0.89 -4.73 -1.23
C LYS A 6 0.28 -3.82 -1.68
N PHE A 7 0.27 -3.42 -2.99
CA PHE A 7 1.27 -2.55 -3.59
C PHE A 7 1.30 -1.19 -3.05
N PHE A 8 0.13 -0.56 -3.05
CA PHE A 8 0.08 0.81 -2.66
C PHE A 8 0.12 0.92 -1.17
N ARG A 9 -0.17 -0.18 -0.46
CA ARG A 9 -0.19 -0.18 0.98
C ARG A 9 1.18 0.18 1.51
N ASP A 10 2.19 -0.31 0.81
CA ASP A 10 3.57 -0.02 1.12
C ASP A 10 4.03 1.23 0.37
N ALA A 11 3.21 1.77 -0.58
CA ALA A 11 3.62 2.94 -1.35
C ALA A 11 3.14 4.23 -0.74
N ILE A 12 1.84 4.25 -0.36
CA ILE A 12 1.16 5.43 0.16
C ILE A 12 1.25 5.47 1.65
N LEU A 13 1.16 4.27 2.27
CA LEU A 13 1.06 4.14 3.70
C LEU A 13 2.39 4.11 4.35
N GLN A 14 3.50 4.14 3.56
CA GLN A 14 4.83 4.21 4.16
C GLN A 14 5.21 5.67 4.24
N ARG A 15 4.36 6.53 3.60
CA ARG A 15 4.54 7.98 3.64
C ARG A 15 3.85 8.48 4.83
N LYS A 16 2.68 7.87 5.06
CA LYS A 16 1.86 8.10 6.18
C LYS A 16 2.21 6.99 7.14
N LYS A 17 1.79 7.18 8.39
CA LYS A 17 1.92 6.19 9.51
C LYS A 17 3.21 6.55 10.30
N GLU A 1 -9.02 -9.75 -1.62
CA GLU A 1 -7.54 -9.85 -1.71
C GLU A 1 -7.07 -9.40 -3.09
N MET A 2 -6.32 -8.25 -3.13
CA MET A 2 -5.81 -7.68 -4.38
C MET A 2 -4.34 -7.40 -4.17
N ARG A 3 -3.52 -7.54 -5.27
CA ARG A 3 -2.06 -7.32 -5.23
C ARG A 3 -1.71 -5.89 -5.47
N LEU A 4 -2.68 -5.10 -5.91
CA LEU A 4 -2.48 -3.69 -6.16
C LEU A 4 -2.73 -2.98 -4.91
N SER A 5 -3.66 -3.52 -4.07
CA SER A 5 -3.97 -2.94 -2.79
C SER A 5 -2.85 -3.32 -1.87
N LYS A 6 -1.98 -4.33 -2.27
CA LYS A 6 -0.84 -4.76 -1.50
C LYS A 6 0.36 -3.85 -1.87
N PHE A 7 0.41 -3.46 -3.19
CA PHE A 7 1.45 -2.57 -3.75
C PHE A 7 1.46 -1.23 -3.19
N PHE A 8 0.29 -0.57 -3.31
CA PHE A 8 0.17 0.77 -2.90
C PHE A 8 0.13 0.88 -1.42
N ARG A 9 -0.21 -0.23 -0.78
CA ARG A 9 -0.36 -0.28 0.64
C ARG A 9 0.95 0.10 1.32
N ASP A 10 2.04 -0.38 0.72
CA ASP A 10 3.37 -0.08 1.17
C ASP A 10 3.89 1.20 0.50
N ALA A 11 3.17 1.74 -0.52
CA ALA A 11 3.64 2.92 -1.24
C ALA A 11 3.08 4.19 -0.67
N ILE A 12 1.75 4.22 -0.46
CA ILE A 12 1.00 5.39 -0.03
C ILE A 12 0.92 5.44 1.47
N LEU A 13 0.75 4.26 2.08
CA LEU A 13 0.48 4.15 3.49
C LEU A 13 1.72 4.13 4.31
N GLN A 14 2.92 4.04 3.68
CA GLN A 14 4.15 4.05 4.46
C GLN A 14 4.59 5.48 4.59
N ARG A 15 3.91 6.37 3.80
CA ARG A 15 4.19 7.79 3.85
C ARG A 15 3.59 8.31 5.12
N LYS A 16 2.34 7.84 5.42
CA LYS A 16 1.65 8.19 6.65
C LYS A 16 1.80 6.97 7.55
N LYS A 17 2.71 7.04 8.55
CA LYS A 17 2.95 5.91 9.46
C LYS A 17 3.66 6.48 10.71
N GLU A 1 -9.05 -9.77 -1.56
CA GLU A 1 -7.55 -9.75 -1.60
C GLU A 1 -7.07 -9.33 -2.98
N MET A 2 -6.33 -8.17 -3.04
CA MET A 2 -5.81 -7.64 -4.30
C MET A 2 -4.34 -7.37 -4.09
N ARG A 3 -3.53 -7.52 -5.20
CA ARG A 3 -2.07 -7.31 -5.19
C ARG A 3 -1.71 -5.88 -5.42
N LEU A 4 -2.69 -5.09 -5.85
CA LEU A 4 -2.48 -3.68 -6.11
C LEU A 4 -2.72 -2.96 -4.87
N SER A 5 -3.63 -3.49 -4.01
CA SER A 5 -3.93 -2.91 -2.74
C SER A 5 -2.80 -3.28 -1.82
N LYS A 6 -1.95 -4.31 -2.23
CA LYS A 6 -0.80 -4.73 -1.47
C LYS A 6 0.40 -3.84 -1.87
N PHE A 7 0.43 -3.43 -3.18
CA PHE A 7 1.46 -2.55 -3.75
C PHE A 7 1.47 -1.20 -3.20
N PHE A 8 0.31 -0.56 -3.33
CA PHE A 8 0.20 0.80 -2.92
C PHE A 8 0.18 0.91 -1.44
N ARG A 9 -0.15 -0.20 -0.79
CA ARG A 9 -0.27 -0.23 0.63
C ARG A 9 1.04 0.15 1.27
N ASP A 10 2.13 -0.33 0.67
CA ASP A 10 3.46 -0.03 1.10
C ASP A 10 3.97 1.22 0.39
N ALA A 11 3.21 1.78 -0.60
CA ALA A 11 3.66 2.96 -1.34
C ALA A 11 3.11 4.24 -0.75
N ILE A 12 1.78 4.25 -0.50
CA ILE A 12 1.02 5.41 -0.04
C ILE A 12 0.95 5.46 1.46
N LEU A 13 0.76 4.26 2.05
CA LEU A 13 0.50 4.12 3.48
C LEU A 13 1.75 4.07 4.27
N GLN A 14 2.92 4.00 3.60
CA GLN A 14 4.19 3.98 4.32
C GLN A 14 4.62 5.40 4.52
N ARG A 15 3.92 6.32 3.80
CA ARG A 15 4.20 7.73 3.91
C ARG A 15 3.54 8.22 5.17
N LYS A 16 2.28 7.75 5.40
CA LYS A 16 1.54 8.07 6.60
C LYS A 16 1.64 6.85 7.48
N LYS A 17 2.51 6.90 8.53
CA LYS A 17 2.70 5.75 9.43
C LYS A 17 3.38 6.31 10.71
N GLU A 1 -6.47 -10.64 -1.17
CA GLU A 1 -7.63 -10.06 -1.92
C GLU A 1 -7.16 -9.45 -3.23
N MET A 2 -6.39 -8.31 -3.16
CA MET A 2 -5.88 -7.63 -4.35
C MET A 2 -4.41 -7.39 -4.16
N ARG A 3 -3.63 -7.48 -5.29
CA ARG A 3 -2.17 -7.28 -5.31
C ARG A 3 -1.81 -5.85 -5.50
N LEU A 4 -2.79 -5.04 -5.88
CA LEU A 4 -2.60 -3.63 -6.09
C LEU A 4 -2.77 -2.95 -4.81
N SER A 5 -3.67 -3.52 -3.94
CA SER A 5 -3.87 -2.98 -2.62
C SER A 5 -2.62 -3.26 -1.87
N LYS A 6 -1.94 -4.44 -2.15
CA LYS A 6 -0.72 -4.84 -1.51
C LYS A 6 0.42 -3.88 -1.90
N PHE A 7 0.42 -3.45 -3.20
CA PHE A 7 1.42 -2.52 -3.76
C PHE A 7 1.40 -1.19 -3.16
N PHE A 8 0.21 -0.57 -3.19
CA PHE A 8 0.12 0.77 -2.77
C PHE A 8 0.10 0.87 -1.28
N ARG A 9 -0.21 -0.22 -0.59
CA ARG A 9 -0.31 -0.22 0.85
C ARG A 9 1.04 0.14 1.43
N ASP A 10 2.09 -0.39 0.80
CA ASP A 10 3.45 -0.12 1.17
C ASP A 10 3.95 1.14 0.46
N ALA A 11 3.17 1.72 -0.52
CA ALA A 11 3.63 2.90 -1.25
C ALA A 11 3.09 4.18 -0.65
N ILE A 12 1.78 4.22 -0.39
CA ILE A 12 1.05 5.40 0.06
C ILE A 12 1.06 5.47 1.57
N LEU A 13 0.92 4.29 2.19
CA LEU A 13 0.74 4.19 3.61
C LEU A 13 2.05 4.17 4.32
N GLN A 14 3.18 4.10 3.57
CA GLN A 14 4.48 4.13 4.21
C GLN A 14 4.87 5.55 4.39
N ARG A 15 4.08 6.45 3.74
CA ARG A 15 4.29 7.87 3.85
C ARG A 15 3.56 8.33 5.07
N LYS A 16 2.30 7.81 5.26
CA LYS A 16 1.50 8.13 6.43
C LYS A 16 1.56 6.91 7.34
N LYS A 17 2.36 7.00 8.44
CA LYS A 17 2.51 5.89 9.40
C LYS A 17 3.11 6.49 10.68
N GLU A 1 -8.85 -10.03 -1.36
CA GLU A 1 -7.36 -9.88 -1.45
C GLU A 1 -6.98 -9.41 -2.84
N MET A 2 -6.29 -8.23 -2.91
CA MET A 2 -5.83 -7.63 -4.16
C MET A 2 -4.37 -7.32 -4.01
N ARG A 3 -3.61 -7.44 -5.14
CA ARG A 3 -2.15 -7.20 -5.18
C ARG A 3 -1.82 -5.77 -5.42
N LEU A 4 -2.81 -4.98 -5.81
CA LEU A 4 -2.62 -3.57 -6.07
C LEU A 4 -2.82 -2.86 -4.82
N SER A 5 -3.72 -3.38 -3.96
CA SER A 5 -3.97 -2.79 -2.68
C SER A 5 -2.83 -3.17 -1.79
N LYS A 6 -2.01 -4.21 -2.21
CA LYS A 6 -0.85 -4.65 -1.47
C LYS A 6 0.35 -3.77 -1.90
N PHE A 7 0.36 -3.37 -3.22
CA PHE A 7 1.39 -2.50 -3.80
C PHE A 7 1.44 -1.16 -3.23
N PHE A 8 0.30 -0.49 -3.31
CA PHE A 8 0.22 0.86 -2.90
C PHE A 8 0.22 0.95 -1.41
N ARG A 9 -0.11 -0.16 -0.77
CA ARG A 9 -0.20 -0.21 0.65
C ARG A 9 1.13 0.13 1.28
N ASP A 10 2.19 -0.36 0.64
CA ASP A 10 3.53 -0.10 1.03
C ASP A 10 4.05 1.16 0.36
N ALA A 11 3.29 1.75 -0.62
CA ALA A 11 3.75 2.94 -1.34
C ALA A 11 3.23 4.22 -0.74
N ILE A 12 1.90 4.25 -0.49
CA ILE A 12 1.18 5.43 -0.01
C ILE A 12 1.14 5.45 1.49
N LEU A 13 0.97 4.25 2.08
CA LEU A 13 0.75 4.11 3.49
C LEU A 13 2.03 4.04 4.24
N GLN A 14 3.18 3.97 3.53
CA GLN A 14 4.46 3.97 4.22
C GLN A 14 4.84 5.40 4.47
N ARG A 15 4.09 6.32 3.82
CA ARG A 15 4.28 7.73 3.98
C ARG A 15 3.48 8.16 5.18
N LYS A 16 2.21 7.67 5.26
CA LYS A 16 1.34 7.94 6.38
C LYS A 16 1.32 6.69 7.24
N LYS A 17 2.04 6.71 8.39
CA LYS A 17 2.09 5.56 9.30
C LYS A 17 2.47 6.09 10.69
N GLU A 1 -6.49 -10.81 -1.37
CA GLU A 1 -7.65 -10.19 -2.11
C GLU A 1 -7.16 -9.54 -3.39
N MET A 2 -6.39 -8.40 -3.27
CA MET A 2 -5.86 -7.69 -4.44
C MET A 2 -4.40 -7.44 -4.20
N ARG A 3 -3.58 -7.55 -5.30
CA ARG A 3 -2.12 -7.35 -5.26
C ARG A 3 -1.74 -5.92 -5.47
N LEU A 4 -2.72 -5.11 -5.90
CA LEU A 4 -2.51 -3.71 -6.15
C LEU A 4 -2.72 -3.00 -4.89
N SER A 5 -3.65 -3.53 -4.04
CA SER A 5 -3.89 -2.96 -2.75
C SER A 5 -2.68 -3.24 -1.95
N LYS A 6 -2.00 -4.43 -2.18
CA LYS A 6 -0.81 -4.83 -1.47
C LYS A 6 0.36 -3.89 -1.83
N PHE A 7 0.42 -3.49 -3.15
CA PHE A 7 1.44 -2.58 -3.68
C PHE A 7 1.43 -1.24 -3.12
N PHE A 8 0.25 -0.61 -3.20
CA PHE A 8 0.15 0.74 -2.83
C PHE A 8 0.07 0.88 -1.33
N ARG A 9 -0.29 -0.20 -0.64
CA ARG A 9 -0.44 -0.17 0.79
C ARG A 9 0.88 0.19 1.42
N ASP A 10 1.95 -0.36 0.85
CA ASP A 10 3.29 -0.10 1.26
C ASP A 10 3.85 1.15 0.56
N ALA A 11 3.11 1.71 -0.44
CA ALA A 11 3.60 2.89 -1.18
C ALA A 11 3.07 4.19 -0.64
N ILE A 12 1.73 4.22 -0.41
CA ILE A 12 1.00 5.42 0.01
C ILE A 12 0.92 5.51 1.50
N LEU A 13 0.74 4.34 2.13
CA LEU A 13 0.49 4.25 3.55
C LEU A 13 1.76 4.21 4.33
N GLN A 14 2.92 4.13 3.64
CA GLN A 14 4.20 4.12 4.34
C GLN A 14 4.66 5.54 4.47
N ARG A 15 3.94 6.45 3.75
CA ARG A 15 4.23 7.86 3.81
C ARG A 15 3.65 8.39 5.10
N LYS A 16 2.40 7.92 5.41
CA LYS A 16 1.73 8.28 6.65
C LYS A 16 1.91 7.06 7.55
N LYS A 17 2.85 7.15 8.55
CA LYS A 17 3.12 6.02 9.44
C LYS A 17 3.82 6.62 10.69
N GLU A 1 -6.64 -10.69 -1.30
CA GLU A 1 -7.75 -10.14 -2.13
C GLU A 1 -7.22 -9.52 -3.41
N MET A 2 -6.44 -8.39 -3.29
CA MET A 2 -5.86 -7.71 -4.46
C MET A 2 -4.40 -7.47 -4.17
N ARG A 3 -3.56 -7.57 -5.26
CA ARG A 3 -2.10 -7.37 -5.19
C ARG A 3 -1.73 -5.93 -5.39
N LEU A 4 -2.70 -5.12 -5.84
CA LEU A 4 -2.49 -3.72 -6.08
C LEU A 4 -2.74 -3.01 -4.82
N SER A 5 -3.67 -3.54 -3.98
CA SER A 5 -3.97 -2.97 -2.70
C SER A 5 -2.83 -3.34 -1.78
N LYS A 6 -1.97 -4.35 -2.19
CA LYS A 6 -0.82 -4.79 -1.42
C LYS A 6 0.38 -3.88 -1.81
N PHE A 7 0.41 -3.47 -3.13
CA PHE A 7 1.45 -2.59 -3.69
C PHE A 7 1.45 -1.24 -3.14
N PHE A 8 0.29 -0.60 -3.26
CA PHE A 8 0.18 0.76 -2.87
C PHE A 8 0.14 0.87 -1.38
N ARG A 9 -0.19 -0.23 -0.72
CA ARG A 9 -0.33 -0.27 0.69
C ARG A 9 0.99 0.12 1.35
N ASP A 10 2.09 -0.35 0.75
CA ASP A 10 3.41 -0.03 1.19
C ASP A 10 3.90 1.24 0.51
N ALA A 11 3.17 1.77 -0.52
CA ALA A 11 3.62 2.96 -1.24
C ALA A 11 3.06 4.23 -0.67
N ILE A 12 1.73 4.23 -0.44
CA ILE A 12 0.97 5.40 0.00
C ILE A 12 0.92 5.46 1.50
N LEU A 13 0.76 4.28 2.11
CA LEU A 13 0.51 4.19 3.53
C LEU A 13 1.78 4.18 4.33
N GLN A 14 2.96 4.11 3.67
CA GLN A 14 4.21 4.15 4.43
C GLN A 14 4.64 5.58 4.54
N ARG A 15 3.92 6.45 3.78
CA ARG A 15 4.17 7.88 3.81
C ARG A 15 3.58 8.40 5.10
N LYS A 16 2.35 7.91 5.43
CA LYS A 16 1.69 8.24 6.66
C LYS A 16 1.87 7.03 7.55
N LYS A 17 2.81 7.12 8.55
CA LYS A 17 3.09 5.99 9.45
C LYS A 17 3.80 6.58 10.69
#